data_3FUY
#
_entry.id   3FUY
#
_cell.length_a   71.572
_cell.length_b   71.572
_cell.length_c   92.725
_cell.angle_alpha   90.000
_cell.angle_beta   90.000
_cell.angle_gamma   120.000
#
_symmetry.space_group_name_H-M   'P 32'
#
loop_
_entity.id
_entity.type
_entity.pdbx_description
1 polymer 'Putative integron gene cassette protein'
2 non-polymer 'SULFATE ION'
3 water water
#
_entity_poly.entity_id   1
_entity_poly.type   'polypeptide(L)'
_entity_poly.pdbx_seq_one_letter_code
;(MSE)GSSHHHHHHSSGRENLYFQG(MSE)ESVNTSFLSPSLVTIRDFDNGQFAVLRIGRTGFPADKGDIDLCLDK
(MSE)KGVRDAQQSIGDDTEFGFKGPHIRIRCVDIDDKHTYNA(MSE)VYVDLIVGTGASEVERETAEELAKEKLRAALQ
VDIADEHSCVTQFE(MSE)KLREELLSSDSFHPDKDEYYKDFL
;
_entity_poly.pdbx_strand_id   A,B,C
#
loop_
_chem_comp.id
_chem_comp.type
_chem_comp.name
_chem_comp.formula
SO4 non-polymer 'SULFATE ION' 'O4 S -2'
#
# COMPACT_ATOMS: atom_id res chain seq x y z
N SER A 24 9.19 12.55 3.88
CA SER A 24 8.10 13.26 4.56
C SER A 24 6.72 12.85 4.07
N VAL A 25 6.65 12.31 2.86
CA VAL A 25 5.39 11.85 2.28
C VAL A 25 5.47 10.35 1.92
N ASN A 26 4.47 9.56 2.33
CA ASN A 26 4.40 8.14 1.97
C ASN A 26 3.21 7.86 1.05
N THR A 27 3.50 7.39 -0.16
CA THR A 27 2.48 7.13 -1.16
C THR A 27 2.44 5.62 -1.42
N SER A 28 1.23 5.06 -1.53
CA SER A 28 1.03 3.63 -1.79
C SER A 28 -0.10 3.43 -2.79
N PHE A 29 0.09 2.52 -3.75
CA PHE A 29 -0.97 2.18 -4.69
C PHE A 29 -1.74 0.97 -4.16
N LEU A 30 -3.01 1.18 -3.83
CA LEU A 30 -3.91 0.08 -3.44
C LEU A 30 -4.41 -0.61 -4.71
N SER A 31 -4.57 0.19 -5.76
CA SER A 31 -4.82 -0.32 -7.11
C SER A 31 -4.25 0.72 -8.07
N PRO A 32 -4.38 0.52 -9.39
CA PRO A 32 -3.81 1.54 -10.26
C PRO A 32 -4.43 2.93 -10.04
N SER A 33 -5.69 2.98 -9.65
CA SER A 33 -6.45 4.23 -9.59
C SER A 33 -6.77 4.66 -8.17
N LEU A 34 -6.17 4.01 -7.18
CA LEU A 34 -6.45 4.33 -5.80
C LEU A 34 -5.16 4.38 -5.01
N VAL A 35 -4.80 5.58 -4.57
CA VAL A 35 -3.53 5.82 -3.90
C VAL A 35 -3.76 6.43 -2.52
N THR A 36 -3.06 5.93 -1.51
CA THR A 36 -3.07 6.63 -0.23
C THR A 36 -1.86 7.52 -0.13
N ILE A 37 -2.05 8.72 0.43
CA ILE A 37 -0.97 9.67 0.59
C ILE A 37 -0.91 10.17 2.04
N ARG A 38 0.17 9.83 2.72
CA ARG A 38 0.35 10.25 4.11
C ARG A 38 1.47 11.28 4.16
N ASP A 39 1.13 12.52 4.56
CA ASP A 39 2.13 13.57 4.73
C ASP A 39 2.49 13.71 6.22
N PHE A 40 3.65 13.23 6.61
CA PHE A 40 4.06 13.26 8.02
C PHE A 40 4.33 14.67 8.55
N ASP A 41 5.08 15.46 7.78
CA ASP A 41 5.52 16.77 8.23
C ASP A 41 4.36 17.73 8.48
N ASN A 42 3.34 17.66 7.62
CA ASN A 42 2.16 18.51 7.78
C ASN A 42 1.01 17.78 8.45
N GLY A 43 1.24 16.54 8.87
CA GLY A 43 0.22 15.78 9.57
C GLY A 43 -1.12 15.69 8.84
N GLN A 44 -1.09 15.19 7.60
CA GLN A 44 -2.29 15.10 6.78
C GLN A 44 -2.38 13.71 6.16
N PHE A 45 -3.58 13.32 5.74
CA PHE A 45 -3.76 12.05 5.02
C PHE A 45 -4.84 12.28 3.97
N ALA A 46 -4.62 11.78 2.76
CA ALA A 46 -5.63 11.89 1.71
C ALA A 46 -5.65 10.64 0.84
N VAL A 47 -6.84 10.31 0.35
CA VAL A 47 -7.01 9.25 -0.63
C VAL A 47 -7.10 9.89 -2.00
N LEU A 48 -6.24 9.44 -2.92
CA LEU A 48 -6.33 9.91 -4.30
C LEU A 48 -7.01 8.83 -5.11
N ARG A 49 -8.08 9.21 -5.82
CA ARG A 49 -8.68 8.23 -6.72
C ARG A 49 -8.96 8.83 -8.08
N ILE A 50 -8.70 8.05 -9.11
CA ILE A 50 -9.00 8.45 -10.48
C ILE A 50 -10.35 7.80 -10.77
N GLY A 51 -11.40 8.45 -10.29
CA GLY A 51 -12.72 7.86 -10.23
C GLY A 51 -13.41 7.62 -11.55
N ARG A 52 -13.54 8.67 -12.35
CA ARG A 52 -14.35 8.55 -13.56
C ARG A 52 -13.78 7.54 -14.56
N THR A 53 -12.47 7.64 -14.82
CA THR A 53 -11.86 6.83 -15.85
C THR A 53 -11.26 5.52 -15.35
N GLY A 54 -10.88 5.49 -14.07
CA GLY A 54 -10.13 4.35 -13.56
C GLY A 54 -8.70 4.32 -14.11
N PHE A 55 -8.23 5.41 -14.71
CA PHE A 55 -6.89 5.41 -15.27
C PHE A 55 -5.84 5.40 -14.14
N PRO A 56 -4.64 4.84 -14.40
CA PRO A 56 -3.63 4.81 -13.33
C PRO A 56 -3.18 6.21 -12.93
N ALA A 57 -3.02 6.44 -11.62
CA ALA A 57 -2.52 7.73 -11.17
C ALA A 57 -1.07 7.91 -11.61
N ASP A 58 -0.76 9.06 -12.20
CA ASP A 58 0.62 9.37 -12.60
C ASP A 58 1.23 10.42 -11.68
N LYS A 59 2.49 10.80 -11.93
CA LYS A 59 3.15 11.74 -11.03
C LYS A 59 2.41 13.07 -10.98
N GLY A 60 1.87 13.50 -12.11
CA GLY A 60 1.07 14.72 -12.16
C GLY A 60 -0.16 14.66 -11.27
N ASP A 61 -0.88 13.53 -11.30
CA ASP A 61 -2.06 13.37 -10.47
C ASP A 61 -1.69 13.44 -9.00
N ILE A 62 -0.58 12.81 -8.65
CA ILE A 62 -0.15 12.80 -7.26
C ILE A 62 0.29 14.21 -6.82
N ASP A 63 0.99 14.89 -7.72
CA ASP A 63 1.41 16.28 -7.43
C ASP A 63 0.19 17.19 -7.24
N LEU A 64 -0.81 17.01 -8.10
CA LEU A 64 -2.10 17.70 -7.99
C LEU A 64 -2.70 17.47 -6.60
N CYS A 65 -2.73 16.21 -6.18
CA CYS A 65 -3.29 15.88 -4.86
C CYS A 65 -2.53 16.60 -3.74
N LEU A 66 -1.20 16.58 -3.81
CA LEU A 66 -0.37 17.30 -2.85
C LEU A 66 -0.68 18.80 -2.84
N ASP A 67 -1.03 19.37 -3.98
CA ASP A 67 -1.33 20.81 -4.04
C ASP A 67 -2.67 21.12 -3.39
N LYS A 68 -3.63 20.22 -3.53
CA LYS A 68 -4.93 20.40 -2.91
C LYS A 68 -4.84 20.17 -1.41
N MSE A 69 -4.04 19.19 -0.99
CA MSE A 69 -3.73 19.05 0.43
C MSE A 69 -3.14 20.35 1.00
O MSE A 69 -3.51 20.78 2.10
CB MSE A 69 -2.79 17.86 0.70
CG MSE A 69 -3.41 16.51 0.37
SE MSE A 69 -2.05 15.07 0.19
CE MSE A 69 -1.74 14.71 2.08
N LYS A 70 -2.22 20.98 0.26
CA LYS A 70 -1.62 22.23 0.74
C LYS A 70 -2.66 23.36 0.80
N GLY A 71 -3.52 23.42 -0.21
CA GLY A 71 -4.59 24.40 -0.22
C GLY A 71 -5.45 24.28 1.03
N VAL A 72 -5.80 23.06 1.38
CA VAL A 72 -6.63 22.85 2.55
C VAL A 72 -5.96 23.31 3.84
N ARG A 73 -4.69 22.96 4.06
CA ARG A 73 -4.01 23.42 5.28
C ARG A 73 -3.76 24.95 5.30
N ASP A 74 -3.70 25.57 4.13
CA ASP A 74 -3.56 27.03 4.08
C ASP A 74 -4.89 27.69 4.45
N ALA A 75 -5.97 27.11 3.95
CA ALA A 75 -7.31 27.51 4.37
C ALA A 75 -7.46 27.37 5.89
N GLN A 76 -6.99 26.25 6.42
CA GLN A 76 -7.00 26.01 7.86
C GLN A 76 -6.29 27.15 8.61
N GLN A 77 -5.09 27.51 8.17
CA GLN A 77 -4.35 28.60 8.82
C GLN A 77 -5.10 29.91 8.74
N SER A 78 -5.89 30.08 7.68
CA SER A 78 -6.75 31.25 7.54
C SER A 78 -7.74 31.34 8.69
N ILE A 79 -8.41 30.23 8.97
CA ILE A 79 -9.45 30.20 10.00
C ILE A 79 -8.88 30.15 11.41
N GLY A 80 -7.62 29.73 11.54
CA GLY A 80 -6.98 29.66 12.85
C GLY A 80 -5.90 28.61 12.98
N ASP A 81 -4.79 29.00 13.61
CA ASP A 81 -3.66 28.10 13.80
C ASP A 81 -4.06 26.84 14.56
N ASP A 82 -4.17 25.73 13.84
CA ASP A 82 -4.60 24.47 14.44
C ASP A 82 -3.50 23.82 15.29
N THR A 83 -2.31 24.39 15.25
CA THR A 83 -1.19 23.91 16.05
C THR A 83 -1.12 24.63 17.39
N GLU A 84 -1.93 25.68 17.54
CA GLU A 84 -2.06 26.37 18.82
C GLU A 84 -2.72 25.46 19.83
N PHE A 85 -2.16 25.39 21.04
CA PHE A 85 -2.73 24.56 22.10
C PHE A 85 -4.09 25.10 22.54
N GLY A 86 -5.00 24.19 22.86
CA GLY A 86 -6.34 24.56 23.25
C GLY A 86 -7.17 25.00 22.05
N PHE A 87 -6.60 24.85 20.87
CA PHE A 87 -7.26 25.23 19.62
C PHE A 87 -8.74 24.84 19.64
N LYS A 88 -9.59 25.85 19.68
CA LYS A 88 -11.02 25.64 19.87
C LYS A 88 -11.73 25.27 18.57
N GLY A 89 -11.01 25.40 17.45
CA GLY A 89 -11.56 25.03 16.16
C GLY A 89 -11.89 26.23 15.29
N PRO A 90 -12.50 25.99 14.12
CA PRO A 90 -12.88 24.66 13.63
C PRO A 90 -11.72 23.98 12.89
N HIS A 91 -11.87 22.69 12.61
CA HIS A 91 -10.91 21.98 11.76
C HIS A 91 -11.45 21.84 10.34
N ILE A 92 -10.61 22.20 9.36
CA ILE A 92 -10.89 21.87 7.98
C ILE A 92 -9.85 20.84 7.49
N ARG A 93 -10.31 19.65 7.14
CA ARG A 93 -9.42 18.52 6.83
C ARG A 93 -9.73 17.90 5.48
N ILE A 94 -8.69 17.70 4.67
CA ILE A 94 -8.88 16.99 3.40
C ILE A 94 -9.04 15.49 3.66
N ARG A 95 -9.92 14.84 2.90
CA ARG A 95 -10.12 13.40 2.95
C ARG A 95 -9.71 12.73 1.65
N CYS A 96 -10.17 13.27 0.54
CA CYS A 96 -10.03 12.61 -0.76
C CYS A 96 -10.02 13.60 -1.90
N VAL A 97 -9.16 13.34 -2.89
CA VAL A 97 -9.17 14.07 -4.15
C VAL A 97 -9.57 13.08 -5.22
N ASP A 98 -10.68 13.35 -5.89
CA ASP A 98 -11.19 12.44 -6.91
C ASP A 98 -11.02 13.12 -8.27
N ILE A 99 -10.12 12.57 -9.07
CA ILE A 99 -9.76 13.16 -10.34
C ILE A 99 -10.58 12.57 -11.48
N ASP A 100 -11.10 13.48 -12.31
CA ASP A 100 -11.84 13.12 -13.51
C ASP A 100 -10.98 13.56 -14.68
N ASP A 101 -10.33 12.61 -15.34
CA ASP A 101 -9.45 12.96 -16.45
C ASP A 101 -9.95 12.40 -17.77
N LYS A 102 -11.26 12.27 -17.91
CA LYS A 102 -11.83 11.69 -19.13
C LYS A 102 -11.72 12.59 -20.36
N HIS A 103 -12.37 13.74 -20.34
CA HIS A 103 -12.30 14.63 -21.50
C HIS A 103 -11.37 15.81 -21.23
N THR A 104 -11.52 16.36 -20.04
CA THR A 104 -10.70 17.46 -19.59
C THR A 104 -10.22 17.07 -18.20
N TYR A 105 -9.53 17.98 -17.51
CA TYR A 105 -8.87 17.64 -16.26
C TYR A 105 -9.59 18.33 -15.12
N ASN A 106 -10.30 17.55 -14.29
CA ASN A 106 -11.04 18.12 -13.17
C ASN A 106 -10.80 17.36 -11.87
N ALA A 107 -11.06 18.03 -10.75
CA ALA A 107 -10.87 17.41 -9.45
C ALA A 107 -12.01 17.73 -8.50
N MSE A 108 -12.49 16.73 -7.78
CA MSE A 108 -13.43 16.93 -6.70
C MSE A 108 -12.66 16.70 -5.39
O MSE A 108 -12.06 15.64 -5.19
CB MSE A 108 -14.62 15.97 -6.81
CG MSE A 108 -15.61 16.07 -5.64
SE MSE A 108 -16.59 17.79 -5.57
CE MSE A 108 -17.67 17.58 -7.17
N VAL A 109 -12.66 17.70 -4.53
CA VAL A 109 -11.97 17.59 -3.26
C VAL A 109 -12.98 17.41 -2.13
N TYR A 110 -12.90 16.27 -1.46
CA TYR A 110 -13.77 16.01 -0.33
C TYR A 110 -13.07 16.43 0.94
N VAL A 111 -13.71 17.34 1.69
CA VAL A 111 -13.16 17.84 2.95
C VAL A 111 -14.14 17.66 4.12
N ASP A 112 -13.62 17.66 5.34
CA ASP A 112 -14.44 17.66 6.54
C ASP A 112 -14.28 18.99 7.21
N LEU A 113 -15.40 19.60 7.61
CA LEU A 113 -15.38 20.74 8.52
C LEU A 113 -15.81 20.26 9.91
N ILE A 114 -14.92 20.38 10.89
CA ILE A 114 -15.22 19.87 12.21
C ILE A 114 -15.30 21.00 13.22
N VAL A 115 -16.48 21.22 13.79
CA VAL A 115 -16.67 22.29 14.78
C VAL A 115 -16.80 21.71 16.17
N GLY A 116 -16.39 22.51 17.17
CA GLY A 116 -16.61 22.17 18.56
C GLY A 116 -18.08 21.84 18.81
N THR A 117 -18.30 20.72 19.49
CA THR A 117 -19.64 20.16 19.70
C THR A 117 -20.58 21.08 20.50
N GLY A 118 -20.03 22.14 21.07
CA GLY A 118 -20.82 23.05 21.88
C GLY A 118 -21.01 24.43 21.27
N ALA A 119 -21.13 24.49 19.95
CA ALA A 119 -21.23 25.77 19.25
C ALA A 119 -22.66 26.12 18.84
N SER A 120 -22.98 27.40 18.90
CA SER A 120 -24.32 27.88 18.54
C SER A 120 -24.58 27.75 17.05
N GLU A 121 -25.86 27.75 16.68
CA GLU A 121 -26.25 27.66 15.27
C GLU A 121 -25.52 28.72 14.46
N VAL A 122 -25.44 29.93 15.01
CA VAL A 122 -24.83 31.02 14.27
C VAL A 122 -23.31 30.90 14.21
N GLU A 123 -22.71 30.33 15.25
CA GLU A 123 -21.27 30.09 15.25
C GLU A 123 -20.89 29.01 14.23
N ARG A 124 -21.75 28.00 14.08
CA ARG A 124 -21.55 26.98 13.05
C ARG A 124 -21.67 27.60 11.66
N GLU A 125 -22.76 28.32 11.44
CA GLU A 125 -23.02 29.02 10.17
C GLU A 125 -21.83 29.89 9.77
N THR A 126 -21.31 30.65 10.73
CA THR A 126 -20.15 31.51 10.48
C THR A 126 -18.91 30.69 10.10
N ALA A 127 -18.71 29.57 10.79
CA ALA A 127 -17.58 28.71 10.53
C ALA A 127 -17.71 28.09 9.14
N GLU A 128 -18.91 27.65 8.81
CA GLU A 128 -19.17 27.01 7.53
C GLU A 128 -18.98 27.93 6.32
N GLU A 129 -19.39 29.19 6.44
CA GLU A 129 -19.27 30.11 5.32
C GLU A 129 -17.85 30.63 5.16
N LEU A 130 -17.13 30.73 6.27
CA LEU A 130 -15.75 31.21 6.23
C LEU A 130 -14.80 30.15 5.62
N ALA A 131 -15.06 28.89 5.92
CA ALA A 131 -14.26 27.78 5.38
C ALA A 131 -14.53 27.61 3.88
N LYS A 132 -15.80 27.74 3.52
CA LYS A 132 -16.23 27.62 2.13
C LYS A 132 -15.58 28.69 1.25
N GLU A 133 -15.40 29.88 1.81
CA GLU A 133 -14.80 30.99 1.08
C GLU A 133 -13.29 30.83 0.98
N LYS A 134 -12.66 30.44 2.08
CA LYS A 134 -11.22 30.22 2.07
C LYS A 134 -10.85 29.06 1.14
N LEU A 135 -11.72 28.04 1.08
CA LEU A 135 -11.50 26.88 0.22
C LEU A 135 -11.69 27.19 -1.26
N ARG A 136 -12.75 27.93 -1.58
CA ARG A 136 -12.96 28.36 -2.96
C ARG A 136 -11.71 29.02 -3.50
N ALA A 137 -11.02 29.77 -2.63
CA ALA A 137 -9.81 30.48 -3.03
C ALA A 137 -8.60 29.57 -3.02
N ALA A 138 -8.43 28.82 -1.93
CA ALA A 138 -7.24 27.99 -1.75
C ALA A 138 -7.20 26.79 -2.71
N LEU A 139 -8.37 26.27 -3.08
CA LEU A 139 -8.45 25.13 -3.99
C LEU A 139 -8.67 25.59 -5.42
N GLN A 140 -8.79 26.91 -5.62
CA GLN A 140 -8.99 27.47 -6.95
C GLN A 140 -10.21 26.88 -7.64
N VAL A 141 -11.34 26.92 -6.92
CA VAL A 141 -12.58 26.37 -7.41
C VAL A 141 -13.02 27.05 -8.72
N ASP A 142 -13.59 26.28 -9.64
CA ASP A 142 -14.14 26.80 -10.89
C ASP A 142 -13.18 27.46 -11.87
N ILE A 143 -11.90 27.47 -11.58
CA ILE A 143 -10.90 27.98 -12.53
C ILE A 143 -9.79 26.93 -12.75
N ALA A 144 -9.07 27.04 -13.87
CA ALA A 144 -7.95 26.12 -14.17
C ALA A 144 -6.72 26.48 -13.35
N ASP A 145 -6.18 25.51 -12.61
CA ASP A 145 -5.07 25.78 -11.70
C ASP A 145 -3.68 25.58 -12.34
N GLU A 146 -2.64 25.50 -11.51
CA GLU A 146 -1.28 25.29 -11.98
C GLU A 146 -1.04 23.93 -12.64
N HIS A 147 -1.99 23.00 -12.51
CA HIS A 147 -1.90 21.72 -13.19
C HIS A 147 -2.93 21.68 -14.31
N SER A 148 -3.39 22.85 -14.72
CA SER A 148 -4.48 22.96 -15.68
C SER A 148 -5.69 22.15 -15.29
N CYS A 149 -5.95 22.08 -13.97
CA CYS A 149 -7.10 21.33 -13.48
C CYS A 149 -8.18 22.28 -12.93
N VAL A 150 -9.45 21.94 -13.16
CA VAL A 150 -10.58 22.74 -12.65
C VAL A 150 -11.18 22.03 -11.46
N THR A 151 -11.20 22.71 -10.32
CA THR A 151 -11.51 22.04 -9.06
C THR A 151 -12.88 22.41 -8.51
N GLN A 152 -13.54 21.44 -7.89
CA GLN A 152 -14.72 21.71 -7.08
C GLN A 152 -14.48 21.03 -5.74
N PHE A 153 -15.25 21.39 -4.72
CA PHE A 153 -15.13 20.67 -3.46
C PHE A 153 -16.47 20.31 -2.87
N GLU A 154 -16.44 19.35 -1.95
CA GLU A 154 -17.63 18.97 -1.21
C GLU A 154 -17.30 18.86 0.26
N MSE A 155 -18.13 19.48 1.08
CA MSE A 155 -17.81 19.65 2.50
C MSE A 155 -18.78 18.85 3.37
O MSE A 155 -20.00 18.97 3.23
CB MSE A 155 -17.83 21.13 2.86
CG MSE A 155 -17.01 21.48 4.08
SE MSE A 155 -17.18 23.35 4.61
CE MSE A 155 -16.04 24.17 3.28
N LYS A 156 -18.23 18.06 4.28
CA LYS A 156 -19.02 17.29 5.23
C LYS A 156 -18.90 17.94 6.58
N LEU A 157 -20.02 18.09 7.27
CA LEU A 157 -20.02 18.75 8.58
C LEU A 157 -19.93 17.74 9.73
N ARG A 158 -19.02 18.02 10.67
CA ARG A 158 -18.89 17.17 11.83
C ARG A 158 -18.80 18.02 13.09
N GLU A 159 -19.21 17.43 14.21
CA GLU A 159 -18.92 18.03 15.51
C GLU A 159 -18.37 16.97 16.47
N GLU A 160 -17.37 17.38 17.23
CA GLU A 160 -16.68 16.48 18.15
C GLU A 160 -16.25 17.26 19.37
N LEU A 161 -16.08 16.57 20.49
CA LEU A 161 -15.49 17.21 21.66
C LEU A 161 -14.01 17.38 21.36
N LEU A 162 -13.62 18.58 20.96
CA LEU A 162 -12.27 18.83 20.46
C LEU A 162 -11.17 18.61 21.49
N SER A 163 -11.56 18.46 22.75
CA SER A 163 -10.60 18.28 23.83
C SER A 163 -10.51 16.82 24.25
N SER A 164 -11.47 16.01 23.78
CA SER A 164 -11.50 14.58 24.08
C SER A 164 -10.25 13.86 23.61
N ASP A 165 -9.65 13.04 24.47
CA ASP A 165 -8.46 12.29 24.13
C ASP A 165 -8.73 11.30 22.99
N SER A 166 -10.01 11.02 22.77
CA SER A 166 -10.41 10.13 21.71
C SER A 166 -10.55 10.86 20.39
N PHE A 167 -10.32 12.18 20.39
CA PHE A 167 -10.47 12.94 19.16
C PHE A 167 -9.17 13.22 18.42
N HIS A 168 -9.22 13.01 17.10
CA HIS A 168 -8.15 13.41 16.20
C HIS A 168 -8.78 13.83 14.88
N PRO A 169 -8.33 14.96 14.32
CA PRO A 169 -8.93 15.51 13.09
C PRO A 169 -8.88 14.53 11.92
N ASP A 170 -7.94 13.59 11.95
CA ASP A 170 -7.77 12.65 10.83
C ASP A 170 -8.02 11.20 11.22
N LYS A 171 -8.87 10.99 12.23
CA LYS A 171 -9.23 9.65 12.64
C LYS A 171 -9.60 8.79 11.42
N ASP A 172 -9.30 7.50 11.51
CA ASP A 172 -9.45 6.62 10.36
C ASP A 172 -10.91 6.45 9.93
N GLU A 173 -11.80 6.53 10.91
CA GLU A 173 -13.23 6.45 10.68
C GLU A 173 -13.68 7.48 9.63
N TYR A 174 -13.04 8.63 9.63
CA TYR A 174 -13.41 9.72 8.74
C TYR A 174 -13.16 9.43 7.26
N TYR A 175 -12.42 8.36 6.95
CA TYR A 175 -12.11 8.04 5.54
C TYR A 175 -12.87 6.82 4.99
N LYS A 176 -13.76 6.28 5.81
CA LYS A 176 -14.53 5.08 5.46
C LYS A 176 -15.21 5.17 4.09
N ASP A 177 -15.69 6.36 3.74
CA ASP A 177 -16.37 6.56 2.47
C ASP A 177 -15.44 6.35 1.29
N PHE A 178 -14.14 6.44 1.55
CA PHE A 178 -13.16 6.50 0.46
C PHE A 178 -12.22 5.30 0.34
N LEU A 179 -12.25 4.38 1.31
CA LEU A 179 -11.35 3.23 1.29
C LEU A 179 -12.08 1.89 1.30
N GLU B 23 10.17 9.28 -6.85
CA GLU B 23 10.76 7.98 -7.12
C GLU B 23 10.14 7.39 -8.37
N SER B 24 10.93 6.66 -9.14
CA SER B 24 10.44 6.17 -10.42
C SER B 24 9.52 4.96 -10.26
N VAL B 25 9.78 4.15 -9.25
CA VAL B 25 8.98 2.96 -9.03
C VAL B 25 8.44 2.94 -7.62
N ASN B 26 7.13 2.80 -7.50
CA ASN B 26 6.49 2.81 -6.20
C ASN B 26 5.97 1.43 -5.87
N THR B 27 6.49 0.83 -4.81
CA THR B 27 6.14 -0.54 -4.45
C THR B 27 5.40 -0.52 -3.12
N SER B 28 4.34 -1.33 -3.01
CA SER B 28 3.54 -1.37 -1.78
C SER B 28 3.14 -2.80 -1.44
N PHE B 29 3.25 -3.18 -0.17
CA PHE B 29 2.78 -4.50 0.24
C PHE B 29 1.36 -4.43 0.75
N LEU B 30 0.42 -5.05 0.03
CA LEU B 30 -0.94 -5.16 0.51
C LEU B 30 -1.03 -6.30 1.51
N SER B 31 -0.18 -7.29 1.32
CA SER B 31 0.05 -8.34 2.31
C SER B 31 1.49 -8.85 2.11
N PRO B 32 1.94 -9.79 2.94
CA PRO B 32 3.31 -10.26 2.71
C PRO B 32 3.53 -10.77 1.27
N SER B 33 2.50 -11.36 0.67
CA SER B 33 2.63 -12.06 -0.61
C SER B 33 1.92 -11.38 -1.79
N LEU B 34 1.42 -10.17 -1.56
CA LEU B 34 0.72 -9.41 -2.61
C LEU B 34 1.27 -7.99 -2.67
N VAL B 35 1.84 -7.63 -3.82
CA VAL B 35 2.59 -6.38 -3.96
C VAL B 35 2.14 -5.61 -5.19
N THR B 36 1.91 -4.31 -5.04
CA THR B 36 1.63 -3.50 -6.21
C THR B 36 2.90 -2.75 -6.62
N ILE B 37 3.17 -2.75 -7.92
CA ILE B 37 4.36 -2.09 -8.44
C ILE B 37 3.97 -1.14 -9.56
N ARG B 38 4.11 0.15 -9.29
CA ARG B 38 3.76 1.18 -10.24
C ARG B 38 5.07 1.77 -10.75
N ASP B 39 5.33 1.63 -12.05
CA ASP B 39 6.54 2.21 -12.67
C ASP B 39 6.13 3.51 -13.38
N PHE B 40 6.41 4.65 -12.76
CA PHE B 40 5.99 5.92 -13.35
C PHE B 40 6.70 6.21 -14.67
N ASP B 41 8.03 6.05 -14.68
CA ASP B 41 8.86 6.43 -15.79
C ASP B 41 8.44 5.68 -17.08
N ASN B 42 8.15 4.39 -16.96
CA ASN B 42 7.76 3.59 -18.11
C ASN B 42 6.23 3.50 -18.29
N GLY B 43 5.49 4.11 -17.38
CA GLY B 43 4.04 4.10 -17.48
C GLY B 43 3.49 2.68 -17.44
N GLN B 44 3.90 1.91 -16.44
CA GLN B 44 3.38 0.54 -16.30
C GLN B 44 2.89 0.29 -14.89
N PHE B 45 2.04 -0.73 -14.75
CA PHE B 45 1.57 -1.17 -13.45
C PHE B 45 1.52 -2.69 -13.44
N ALA B 46 2.06 -3.30 -12.39
CA ALA B 46 1.93 -4.76 -12.26
C ALA B 46 1.60 -5.16 -10.84
N VAL B 47 0.87 -6.26 -10.72
CA VAL B 47 0.69 -6.90 -9.44
C VAL B 47 1.67 -8.06 -9.30
N LEU B 48 2.38 -8.09 -8.18
CA LEU B 48 3.22 -9.22 -7.85
C LEU B 48 2.52 -10.11 -6.82
N ARG B 49 2.40 -11.40 -7.15
CA ARG B 49 1.79 -12.38 -6.23
C ARG B 49 2.72 -13.56 -6.00
N ILE B 50 2.92 -13.91 -4.74
CA ILE B 50 3.60 -15.15 -4.41
C ILE B 50 2.49 -16.18 -4.16
N GLY B 51 1.85 -16.61 -5.24
CA GLY B 51 0.57 -17.31 -5.18
C GLY B 51 0.58 -18.68 -4.54
N ARG B 52 1.51 -19.53 -4.96
CA ARG B 52 1.45 -20.93 -4.53
C ARG B 52 1.78 -21.12 -3.05
N THR B 53 2.86 -20.51 -2.60
CA THR B 53 3.32 -20.68 -1.23
C THR B 53 2.78 -19.66 -0.25
N GLY B 54 2.40 -18.49 -0.77
CA GLY B 54 2.01 -17.36 0.06
C GLY B 54 3.19 -16.83 0.85
N PHE B 55 4.40 -17.10 0.38
CA PHE B 55 5.59 -16.64 1.07
C PHE B 55 5.75 -15.14 0.82
N PRO B 56 6.39 -14.42 1.76
CA PRO B 56 6.57 -12.96 1.59
C PRO B 56 7.44 -12.66 0.38
N ALA B 57 7.02 -11.71 -0.45
CA ALA B 57 7.87 -11.25 -1.54
C ALA B 57 9.19 -10.64 -1.06
N ASP B 58 10.30 -11.06 -1.66
CA ASP B 58 11.59 -10.49 -1.32
C ASP B 58 12.14 -9.58 -2.42
N LYS B 59 13.32 -9.02 -2.21
CA LYS B 59 13.89 -8.10 -3.20
C LYS B 59 14.06 -8.83 -4.54
N GLY B 60 14.42 -10.11 -4.47
CA GLY B 60 14.62 -10.91 -5.68
C GLY B 60 13.33 -11.06 -6.47
N ASP B 61 12.27 -11.45 -5.79
CA ASP B 61 10.93 -11.52 -6.39
C ASP B 61 10.52 -10.20 -7.08
N ILE B 62 10.77 -9.07 -6.42
CA ILE B 62 10.40 -7.79 -7.00
C ILE B 62 11.27 -7.48 -8.21
N ASP B 63 12.58 -7.76 -8.11
CA ASP B 63 13.48 -7.55 -9.23
C ASP B 63 13.07 -8.43 -10.44
N LEU B 64 12.65 -9.66 -10.17
CA LEU B 64 12.14 -10.56 -11.20
C LEU B 64 10.94 -9.92 -11.86
N CYS B 65 10.02 -9.42 -11.04
CA CYS B 65 8.86 -8.75 -11.58
C CYS B 65 9.26 -7.56 -12.47
N LEU B 66 10.20 -6.74 -11.99
CA LEU B 66 10.68 -5.62 -12.82
C LEU B 66 11.28 -6.09 -14.15
N ASP B 67 12.01 -7.21 -14.14
CA ASP B 67 12.57 -7.72 -15.38
C ASP B 67 11.48 -8.17 -16.37
N LYS B 68 10.43 -8.83 -15.87
CA LYS B 68 9.33 -9.24 -16.74
C LYS B 68 8.54 -8.02 -17.24
N MSE B 69 8.38 -7.00 -16.39
CA MSE B 69 7.76 -5.75 -16.84
C MSE B 69 8.56 -5.17 -17.99
O MSE B 69 8.00 -4.69 -18.98
CB MSE B 69 7.67 -4.72 -15.70
CG MSE B 69 6.75 -5.22 -14.59
SE MSE B 69 6.78 -4.09 -13.00
CE MSE B 69 5.74 -2.57 -13.68
N LYS B 70 9.89 -5.25 -17.89
CA LYS B 70 10.72 -4.77 -18.97
C LYS B 70 10.56 -5.65 -20.23
N GLY B 71 10.46 -6.96 -20.04
CA GLY B 71 10.32 -7.85 -21.19
C GLY B 71 9.06 -7.51 -21.99
N VAL B 72 7.97 -7.23 -21.29
CA VAL B 72 6.73 -6.84 -21.96
C VAL B 72 6.84 -5.50 -22.70
N ARG B 73 7.40 -4.48 -22.08
CA ARG B 73 7.49 -3.21 -22.80
C ARG B 73 8.48 -3.31 -24.00
N ASP B 74 9.51 -4.15 -23.85
CA ASP B 74 10.39 -4.47 -25.00
C ASP B 74 9.66 -5.25 -26.10
N ALA B 75 8.83 -6.23 -25.72
CA ALA B 75 7.99 -6.91 -26.72
C ALA B 75 7.08 -5.91 -27.44
N GLN B 76 6.50 -4.97 -26.69
CA GLN B 76 5.64 -3.94 -27.25
C GLN B 76 6.41 -3.08 -28.24
N GLN B 77 7.62 -2.68 -27.86
CA GLN B 77 8.46 -1.87 -28.72
C GLN B 77 8.79 -2.57 -30.03
N SER B 78 8.90 -3.90 -30.01
CA SER B 78 9.18 -4.68 -31.22
C SER B 78 7.97 -4.75 -32.15
N ILE B 79 6.79 -4.64 -31.57
CA ILE B 79 5.56 -4.77 -32.33
C ILE B 79 5.15 -3.44 -32.93
N GLY B 80 5.54 -2.37 -32.27
CA GLY B 80 5.21 -1.03 -32.72
C GLY B 80 5.30 -0.04 -31.57
N ASP B 81 5.70 1.19 -31.87
CA ASP B 81 5.84 2.23 -30.86
C ASP B 81 4.51 2.76 -30.33
N ASP B 82 4.21 2.48 -29.06
CA ASP B 82 2.93 2.88 -28.46
C ASP B 82 2.89 4.31 -27.95
N THR B 83 3.92 5.11 -28.25
CA THR B 83 3.90 6.52 -27.87
C THR B 83 3.32 7.43 -28.96
N GLU B 84 3.68 7.15 -30.21
CA GLU B 84 3.18 7.88 -31.37
C GLU B 84 1.68 8.14 -31.28
N PHE B 85 1.27 9.37 -31.56
CA PHE B 85 -0.16 9.69 -31.61
C PHE B 85 -0.82 8.99 -32.79
N GLY B 86 -2.00 8.42 -32.57
CA GLY B 86 -2.70 7.67 -33.61
C GLY B 86 -2.28 6.21 -33.69
N PHE B 87 -1.37 5.79 -32.81
CA PHE B 87 -0.94 4.40 -32.73
C PHE B 87 -2.14 3.47 -32.86
N LYS B 88 -2.05 2.49 -33.75
CA LYS B 88 -3.21 1.68 -34.08
C LYS B 88 -3.22 0.33 -33.37
N GLY B 89 -2.24 0.11 -32.51
CA GLY B 89 -2.16 -1.14 -31.78
C GLY B 89 -1.38 -2.17 -32.58
N PRO B 90 -1.27 -3.39 -32.04
CA PRO B 90 -1.84 -3.75 -30.73
C PRO B 90 -1.00 -3.25 -29.55
N HIS B 91 -1.63 -3.20 -28.37
CA HIS B 91 -0.92 -2.96 -27.11
C HIS B 91 -0.67 -4.30 -26.41
N ILE B 92 0.54 -4.49 -25.89
CA ILE B 92 0.82 -5.64 -25.04
C ILE B 92 1.11 -5.09 -23.65
N ARG B 93 0.30 -5.46 -22.67
CA ARG B 93 0.42 -4.86 -21.35
C ARG B 93 0.57 -5.91 -20.27
N ILE B 94 1.52 -5.72 -19.36
CA ILE B 94 1.65 -6.69 -18.27
C ILE B 94 0.57 -6.40 -17.22
N ARG B 95 0.08 -7.44 -16.54
CA ARG B 95 -0.90 -7.24 -15.48
C ARG B 95 -0.38 -7.76 -14.16
N CYS B 96 0.15 -8.98 -14.18
CA CYS B 96 0.50 -9.65 -12.94
C CYS B 96 1.66 -10.60 -13.19
N VAL B 97 2.54 -10.70 -12.21
CA VAL B 97 3.54 -11.76 -12.20
C VAL B 97 3.24 -12.58 -10.97
N ASP B 98 2.82 -13.82 -11.19
CA ASP B 98 2.56 -14.76 -10.11
C ASP B 98 3.72 -15.73 -9.97
N ILE B 99 4.42 -15.64 -8.85
CA ILE B 99 5.58 -16.47 -8.62
C ILE B 99 5.24 -17.75 -7.84
N ASP B 100 5.71 -18.89 -8.34
CA ASP B 100 5.65 -20.16 -7.64
C ASP B 100 7.04 -20.52 -7.17
N ASP B 101 7.30 -20.33 -5.88
CA ASP B 101 8.60 -20.64 -5.32
C ASP B 101 8.56 -21.85 -4.36
N LYS B 102 7.65 -22.77 -4.59
CA LYS B 102 7.50 -23.89 -3.67
C LYS B 102 8.66 -24.88 -3.79
N HIS B 103 8.76 -25.54 -4.95
CA HIS B 103 9.87 -26.48 -5.18
C HIS B 103 10.98 -25.87 -6.02
N THR B 104 10.64 -25.42 -7.22
CA THR B 104 11.58 -24.65 -8.02
C THR B 104 11.05 -23.24 -8.20
N TYR B 105 11.87 -22.39 -8.79
CA TYR B 105 11.52 -20.99 -9.02
C TYR B 105 10.84 -20.82 -10.39
N ASN B 106 9.54 -20.57 -10.35
CA ASN B 106 8.74 -20.37 -11.54
C ASN B 106 7.91 -19.09 -11.47
N ALA B 107 7.56 -18.55 -12.64
CA ALA B 107 6.65 -17.43 -12.71
C ALA B 107 5.64 -17.56 -13.83
N MSE B 108 4.42 -17.10 -13.56
CA MSE B 108 3.40 -16.97 -14.57
C MSE B 108 3.12 -15.48 -14.80
O MSE B 108 2.68 -14.77 -13.90
CB MSE B 108 2.12 -17.71 -14.14
CG MSE B 108 0.96 -17.57 -15.10
SE MSE B 108 1.24 -18.48 -16.81
CE MSE B 108 1.20 -20.34 -16.18
N VAL B 109 3.37 -15.02 -16.02
CA VAL B 109 3.13 -13.61 -16.38
C VAL B 109 1.82 -13.45 -17.13
N TYR B 110 0.88 -12.71 -16.55
CA TYR B 110 -0.39 -12.40 -17.19
C TYR B 110 -0.31 -11.10 -17.95
N VAL B 111 -0.58 -11.16 -19.25
CA VAL B 111 -0.50 -10.00 -20.12
C VAL B 111 -1.84 -9.87 -20.83
N ASP B 112 -2.19 -8.65 -21.21
CA ASP B 112 -3.37 -8.39 -22.04
C ASP B 112 -2.84 -8.01 -23.41
N LEU B 113 -3.46 -8.53 -24.47
CA LEU B 113 -3.23 -8.03 -25.82
C LEU B 113 -4.46 -7.22 -26.21
N ILE B 114 -4.26 -5.94 -26.49
CA ILE B 114 -5.38 -5.06 -26.85
C ILE B 114 -5.31 -4.66 -28.31
N VAL B 115 -6.30 -5.07 -29.11
CA VAL B 115 -6.39 -4.67 -30.50
C VAL B 115 -7.56 -3.70 -30.69
N GLY B 116 -7.56 -2.97 -31.80
CA GLY B 116 -8.62 -2.01 -32.07
C GLY B 116 -9.91 -2.70 -32.45
N THR B 117 -11.04 -2.16 -31.98
CA THR B 117 -12.35 -2.74 -32.29
C THR B 117 -12.52 -2.96 -33.80
N GLY B 118 -11.84 -2.14 -34.60
CA GLY B 118 -11.99 -2.21 -36.05
C GLY B 118 -11.02 -3.13 -36.77
N ALA B 119 -10.49 -4.12 -36.06
CA ALA B 119 -9.54 -5.05 -36.65
C ALA B 119 -10.24 -6.28 -37.23
N SER B 120 -9.80 -6.72 -38.41
CA SER B 120 -10.39 -7.88 -39.05
C SER B 120 -9.88 -9.19 -38.46
N GLU B 121 -10.65 -10.25 -38.66
CA GLU B 121 -10.29 -11.60 -38.24
C GLU B 121 -8.80 -11.91 -38.45
N VAL B 122 -8.29 -11.62 -39.64
CA VAL B 122 -6.93 -11.97 -39.97
C VAL B 122 -5.92 -11.07 -39.24
N GLU B 123 -6.25 -9.78 -39.13
CA GLU B 123 -5.37 -8.83 -38.46
C GLU B 123 -5.22 -9.17 -36.99
N ARG B 124 -6.26 -9.81 -36.42
CA ARG B 124 -6.24 -10.22 -35.02
C ARG B 124 -5.39 -11.45 -34.85
N GLU B 125 -5.62 -12.45 -35.68
CA GLU B 125 -4.84 -13.67 -35.65
C GLU B 125 -3.37 -13.35 -35.86
N THR B 126 -3.11 -12.37 -36.73
CA THR B 126 -1.75 -11.90 -37.00
C THR B 126 -1.12 -11.19 -35.79
N ALA B 127 -1.85 -10.30 -35.16
CA ALA B 127 -1.33 -9.60 -33.97
C ALA B 127 -1.05 -10.58 -32.83
N GLU B 128 -1.95 -11.53 -32.66
CA GLU B 128 -1.84 -12.53 -31.61
C GLU B 128 -0.59 -13.40 -31.75
N GLU B 129 -0.29 -13.82 -32.98
CA GLU B 129 0.85 -14.69 -33.22
C GLU B 129 2.17 -13.95 -33.10
N LEU B 130 2.22 -12.74 -33.64
CA LEU B 130 3.40 -11.90 -33.55
C LEU B 130 3.71 -11.59 -32.08
N ALA B 131 2.69 -11.15 -31.36
CA ALA B 131 2.84 -10.86 -29.93
C ALA B 131 3.32 -12.07 -29.14
N LYS B 132 2.75 -13.25 -29.39
CA LYS B 132 3.16 -14.44 -28.66
C LYS B 132 4.63 -14.78 -28.93
N GLU B 133 5.04 -14.61 -30.18
CA GLU B 133 6.43 -14.81 -30.58
C GLU B 133 7.33 -13.85 -29.80
N LYS B 134 7.02 -12.56 -29.83
CA LYS B 134 7.84 -11.58 -29.12
C LYS B 134 7.90 -11.88 -27.63
N LEU B 135 6.78 -12.30 -27.06
CA LEU B 135 6.74 -12.57 -25.61
C LEU B 135 7.49 -13.83 -25.21
N ARG B 136 7.43 -14.85 -26.06
CA ARG B 136 8.17 -16.07 -25.76
C ARG B 136 9.64 -15.73 -25.65
N ALA B 137 10.12 -14.88 -26.55
CA ALA B 137 11.51 -14.41 -26.51
C ALA B 137 11.82 -13.48 -25.33
N ALA B 138 11.03 -12.42 -25.18
CA ALA B 138 11.33 -11.41 -24.17
C ALA B 138 11.18 -11.91 -22.73
N LEU B 139 10.19 -12.77 -22.50
CA LEU B 139 9.93 -13.31 -21.18
C LEU B 139 10.74 -14.58 -20.86
N GLN B 140 11.52 -15.04 -21.85
CA GLN B 140 12.30 -16.29 -21.74
C GLN B 140 11.46 -17.47 -21.28
N VAL B 141 10.40 -17.73 -22.05
CA VAL B 141 9.44 -18.77 -21.72
C VAL B 141 10.09 -20.14 -21.75
N ASP B 142 9.82 -20.94 -20.72
CA ASP B 142 10.22 -22.34 -20.68
C ASP B 142 11.71 -22.56 -20.54
N ILE B 143 12.46 -21.50 -20.29
CA ILE B 143 13.88 -21.64 -19.92
C ILE B 143 14.15 -20.91 -18.61
N ALA B 144 15.29 -21.23 -17.98
CA ALA B 144 15.69 -20.54 -16.75
C ALA B 144 16.36 -19.23 -17.13
N ASP B 145 15.98 -18.15 -16.46
CA ASP B 145 16.48 -16.83 -16.83
C ASP B 145 17.58 -16.34 -15.89
N GLU B 146 17.79 -15.03 -15.88
CA GLU B 146 18.87 -14.44 -15.11
C GLU B 146 18.55 -14.44 -13.62
N HIS B 147 17.34 -14.84 -13.27
CA HIS B 147 16.98 -15.07 -11.86
C HIS B 147 16.82 -16.55 -11.56
N SER B 148 17.28 -17.42 -12.47
CA SER B 148 17.04 -18.86 -12.37
C SER B 148 15.55 -19.15 -12.27
N CYS B 149 14.73 -18.33 -12.91
CA CYS B 149 13.30 -18.53 -12.89
C CYS B 149 12.85 -19.05 -14.26
N VAL B 150 11.95 -20.02 -14.26
CA VAL B 150 11.39 -20.53 -15.52
C VAL B 150 10.03 -19.89 -15.70
N THR B 151 9.82 -19.27 -16.85
CA THR B 151 8.67 -18.41 -17.06
C THR B 151 7.65 -18.99 -18.04
N GLN B 152 6.36 -18.80 -17.74
CA GLN B 152 5.30 -19.04 -18.70
C GLN B 152 4.42 -17.81 -18.73
N PHE B 153 3.59 -17.68 -19.76
CA PHE B 153 2.65 -16.56 -19.75
C PHE B 153 1.24 -16.96 -20.20
N GLU B 154 0.28 -16.11 -19.85
CA GLU B 154 -1.09 -16.23 -20.36
C GLU B 154 -1.48 -14.88 -20.92
N MSE B 155 -2.08 -14.92 -22.11
CA MSE B 155 -2.46 -13.71 -22.81
C MSE B 155 -3.97 -13.58 -22.97
O MSE B 155 -4.61 -14.39 -23.67
CB MSE B 155 -1.78 -13.70 -24.18
CG MSE B 155 -2.11 -12.49 -25.01
SE MSE B 155 -0.91 -12.39 -26.55
CE MSE B 155 0.58 -13.32 -25.76
N LYS B 156 -4.54 -12.57 -22.33
CA LYS B 156 -5.95 -12.27 -22.47
C LYS B 156 -6.12 -11.32 -23.66
N LEU B 157 -7.17 -11.54 -24.44
CA LEU B 157 -7.42 -10.72 -25.62
C LEU B 157 -8.54 -9.71 -25.35
N ARG B 158 -8.32 -8.46 -25.75
CA ARG B 158 -9.31 -7.42 -25.57
C ARG B 158 -9.46 -6.68 -26.87
N GLU B 159 -10.62 -6.08 -27.07
CA GLU B 159 -10.76 -5.10 -28.14
C GLU B 159 -11.33 -3.84 -27.53
N GLU B 160 -10.91 -2.71 -28.07
CA GLU B 160 -11.27 -1.41 -27.54
C GLU B 160 -11.15 -0.43 -28.67
N LEU B 161 -11.96 0.62 -28.64
CA LEU B 161 -11.79 1.69 -29.59
C LEU B 161 -10.60 2.51 -29.08
N LEU B 162 -9.49 2.44 -29.78
CA LEU B 162 -8.24 2.97 -29.25
C LEU B 162 -8.19 4.51 -29.19
N SER B 163 -9.12 5.16 -29.89
CA SER B 163 -9.14 6.61 -29.94
C SER B 163 -10.10 7.19 -28.89
N SER B 164 -10.89 6.33 -28.26
CA SER B 164 -11.85 6.77 -27.25
C SER B 164 -11.17 7.44 -26.05
N ASP B 165 -11.78 8.53 -25.57
CA ASP B 165 -11.28 9.20 -24.37
C ASP B 165 -11.41 8.27 -23.17
N SER B 166 -12.25 7.25 -23.28
CA SER B 166 -12.45 6.32 -22.18
C SER B 166 -11.35 5.26 -22.09
N PHE B 167 -10.50 5.19 -23.11
CA PHE B 167 -9.51 4.12 -23.19
C PHE B 167 -8.13 4.50 -22.63
N HIS B 168 -7.61 3.64 -21.76
CA HIS B 168 -6.19 3.67 -21.37
C HIS B 168 -5.72 2.21 -21.27
N PRO B 169 -4.52 1.90 -21.81
CA PRO B 169 -4.06 0.50 -21.82
C PRO B 169 -3.92 -0.13 -20.44
N ASP B 170 -3.82 0.67 -19.37
CA ASP B 170 -3.71 0.13 -18.02
C ASP B 170 -4.89 0.53 -17.10
N LYS B 171 -6.07 0.72 -17.67
CA LYS B 171 -7.26 1.02 -16.87
C LYS B 171 -7.35 0.08 -15.67
N ASP B 172 -7.83 0.59 -14.55
CA ASP B 172 -7.87 -0.19 -13.30
C ASP B 172 -8.68 -1.47 -13.42
N GLU B 173 -9.72 -1.43 -14.24
CA GLU B 173 -10.58 -2.58 -14.52
C GLU B 173 -9.78 -3.81 -14.96
N TYR B 174 -8.74 -3.58 -15.76
CA TYR B 174 -7.93 -4.67 -16.31
C TYR B 174 -7.12 -5.43 -15.26
N TYR B 175 -7.13 -4.95 -14.01
CA TYR B 175 -6.36 -5.59 -12.94
C TYR B 175 -7.24 -6.29 -11.90
N LYS B 176 -8.56 -6.19 -12.06
CA LYS B 176 -9.49 -6.77 -11.09
C LYS B 176 -9.24 -8.24 -10.75
N ASP B 177 -8.75 -9.02 -11.73
CA ASP B 177 -8.47 -10.43 -11.49
C ASP B 177 -7.43 -10.64 -10.43
N PHE B 178 -6.58 -9.64 -10.24
CA PHE B 178 -5.34 -9.82 -9.48
C PHE B 178 -5.28 -9.09 -8.14
N LEU B 179 -6.29 -8.29 -7.83
CA LEU B 179 -6.28 -7.54 -6.57
C LEU B 179 -7.40 -7.97 -5.62
N SER C 24 15.60 -0.59 2.11
CA SER C 24 15.68 -1.72 3.04
C SER C 24 14.32 -2.02 3.69
N VAL C 25 13.53 -0.97 3.93
CA VAL C 25 12.25 -1.12 4.59
C VAL C 25 11.15 -0.48 3.75
N ASN C 26 10.10 -1.22 3.48
CA ASN C 26 8.99 -0.70 2.68
C ASN C 26 7.74 -0.56 3.52
N THR C 27 7.22 0.65 3.58
CA THR C 27 6.07 0.98 4.41
C THR C 27 4.93 1.45 3.55
N SER C 28 3.73 0.94 3.82
CA SER C 28 2.55 1.31 3.07
C SER C 28 1.37 1.57 4.01
N PHE C 29 0.61 2.62 3.73
CA PHE C 29 -0.61 2.94 4.46
C PHE C 29 -1.81 2.33 3.77
N LEU C 30 -2.43 1.33 4.38
CA LEU C 30 -3.66 0.75 3.83
C LEU C 30 -4.81 1.63 4.25
N SER C 31 -4.59 2.36 5.33
CA SER C 31 -5.56 3.33 5.84
C SER C 31 -4.74 4.20 6.79
N PRO C 32 -5.35 5.26 7.33
CA PRO C 32 -4.57 6.07 8.25
C PRO C 32 -3.97 5.27 9.40
N SER C 33 -4.71 4.29 9.91
CA SER C 33 -4.32 3.60 11.14
C SER C 33 -3.78 2.19 10.91
N LEU C 34 -3.63 1.82 9.64
CA LEU C 34 -3.19 0.45 9.32
C LEU C 34 -2.06 0.50 8.29
N VAL C 35 -0.87 0.11 8.72
CA VAL C 35 0.35 0.23 7.95
C VAL C 35 1.05 -1.13 7.85
N THR C 36 1.48 -1.50 6.64
CA THR C 36 2.30 -2.70 6.47
C THR C 36 3.76 -2.28 6.40
N ILE C 37 4.59 -3.01 7.11
CA ILE C 37 6.03 -2.72 7.17
C ILE C 37 6.84 -3.96 6.83
N ARG C 38 7.47 -3.91 5.66
CA ARG C 38 8.25 -5.03 5.16
C ARG C 38 9.73 -4.65 5.31
N ASP C 39 10.47 -5.38 6.14
CA ASP C 39 11.90 -5.14 6.32
C ASP C 39 12.66 -6.19 5.51
N PHE C 40 13.21 -5.78 4.37
CA PHE C 40 13.86 -6.73 3.47
C PHE C 40 15.17 -7.24 4.05
N ASP C 41 15.95 -6.33 4.62
CA ASP C 41 17.26 -6.65 5.14
C ASP C 41 17.21 -7.76 6.20
N ASN C 42 16.24 -7.67 7.10
CA ASN C 42 16.15 -8.65 8.18
C ASN C 42 15.09 -9.73 7.92
N GLY C 43 14.43 -9.63 6.76
CA GLY C 43 13.45 -10.63 6.38
C GLY C 43 12.32 -10.72 7.38
N GLN C 44 11.74 -9.57 7.74
CA GLN C 44 10.57 -9.55 8.62
C GLN C 44 9.42 -8.77 8.01
N PHE C 45 8.21 -9.07 8.47
CA PHE C 45 7.02 -8.33 8.05
C PHE C 45 6.18 -8.08 9.29
N ALA C 46 5.73 -6.84 9.47
CA ALA C 46 4.85 -6.51 10.58
C ALA C 46 3.71 -5.62 10.11
N VAL C 47 2.57 -5.77 10.75
CA VAL C 47 1.45 -4.87 10.52
C VAL C 47 1.44 -3.90 11.69
N LEU C 48 1.49 -2.61 11.38
CA LEU C 48 1.36 -1.58 12.40
C LEU C 48 -0.09 -1.12 12.43
N ARG C 49 -0.69 -1.22 13.59
CA ARG C 49 -2.08 -0.83 13.77
C ARG C 49 -2.20 0.13 14.95
N ILE C 50 -2.91 1.24 14.75
CA ILE C 50 -3.20 2.16 15.84
C ILE C 50 -4.63 1.82 16.26
N GLY C 51 -4.75 0.77 17.05
CA GLY C 51 -6.02 0.11 17.25
C GLY C 51 -7.03 0.85 18.10
N ARG C 52 -6.64 1.24 19.30
CA ARG C 52 -7.58 1.85 20.23
C ARG C 52 -8.20 3.14 19.66
N THR C 53 -7.37 4.09 19.24
CA THR C 53 -7.86 5.40 18.83
C THR C 53 -8.21 5.48 17.34
N GLY C 54 -7.56 4.66 16.54
CA GLY C 54 -7.69 4.81 15.09
C GLY C 54 -7.02 6.08 14.58
N PHE C 55 -6.18 6.71 15.39
CA PHE C 55 -5.44 7.88 14.93
C PHE C 55 -4.45 7.47 13.85
N PRO C 56 -4.08 8.40 12.98
CA PRO C 56 -3.14 8.08 11.90
C PRO C 56 -1.77 7.76 12.48
N ALA C 57 -1.07 6.78 11.91
CA ALA C 57 0.28 6.48 12.33
C ALA C 57 1.24 7.59 11.94
N ASP C 58 2.14 7.94 12.85
CA ASP C 58 3.14 8.97 12.58
C ASP C 58 4.53 8.36 12.59
N LYS C 59 5.54 9.17 12.38
CA LYS C 59 6.89 8.65 12.17
C LYS C 59 7.37 7.92 13.42
N GLY C 60 6.99 8.46 14.58
CA GLY C 60 7.29 7.84 15.86
C GLY C 60 6.68 6.45 16.01
N ASP C 61 5.43 6.28 15.61
CA ASP C 61 4.80 4.95 15.65
C ASP C 61 5.55 3.95 14.76
N ILE C 62 6.02 4.43 13.61
CA ILE C 62 6.72 3.53 12.70
C ILE C 62 8.08 3.16 13.30
N ASP C 63 8.74 4.15 13.90
CA ASP C 63 10.02 3.97 14.59
C ASP C 63 9.86 2.94 15.71
N LEU C 64 8.76 3.07 16.44
CA LEU C 64 8.43 2.16 17.52
C LEU C 64 8.26 0.73 16.98
N CYS C 65 7.47 0.59 15.91
CA CYS C 65 7.28 -0.71 15.29
C CYS C 65 8.61 -1.33 14.84
N LEU C 66 9.44 -0.53 14.20
CA LEU C 66 10.78 -0.97 13.80
C LEU C 66 11.59 -1.45 15.01
N ASP C 67 11.50 -0.74 16.12
CA ASP C 67 12.28 -1.15 17.29
C ASP C 67 11.75 -2.44 17.93
N LYS C 68 10.45 -2.67 17.85
CA LYS C 68 9.88 -3.93 18.36
C LYS C 68 10.22 -5.09 17.42
N MSE C 69 10.30 -4.81 16.12
CA MSE C 69 10.73 -5.82 15.17
C MSE C 69 12.17 -6.21 15.47
O MSE C 69 12.53 -7.40 15.41
CB MSE C 69 10.61 -5.29 13.74
CG MSE C 69 9.18 -5.07 13.32
SE MSE C 69 9.00 -4.02 11.68
CE MSE C 69 9.24 -5.43 10.34
N LYS C 70 12.97 -5.22 15.82
CA LYS C 70 14.36 -5.46 16.20
C LYS C 70 14.44 -6.30 17.49
N GLY C 71 13.56 -5.99 18.44
CA GLY C 71 13.48 -6.74 19.68
C GLY C 71 13.12 -8.20 19.44
N VAL C 72 12.16 -8.46 18.57
CA VAL C 72 11.80 -9.85 18.25
C VAL C 72 12.93 -10.64 17.60
N ARG C 73 13.61 -10.06 16.60
CA ARG C 73 14.70 -10.80 15.95
C ARG C 73 15.89 -10.98 16.91
N ASP C 74 16.04 -10.04 17.85
CA ASP C 74 17.06 -10.14 18.89
C ASP C 74 16.77 -11.30 19.84
N ALA C 75 15.53 -11.41 20.26
CA ALA C 75 15.08 -12.55 21.05
C ALA C 75 15.38 -13.86 20.30
N GLN C 76 15.06 -13.87 19.01
CA GLN C 76 15.29 -15.05 18.16
C GLN C 76 16.74 -15.50 18.22
N GLN C 77 17.65 -14.60 17.89
CA GLN C 77 19.08 -14.90 17.91
C GLN C 77 19.53 -15.42 19.27
N SER C 78 18.79 -15.06 20.31
CA SER C 78 19.12 -15.49 21.67
C SER C 78 18.69 -16.93 21.90
N ILE C 79 17.60 -17.33 21.25
CA ILE C 79 17.16 -18.72 21.24
C ILE C 79 18.05 -19.55 20.33
N GLY C 80 18.50 -18.95 19.22
CA GLY C 80 19.32 -19.65 18.25
C GLY C 80 19.22 -19.09 16.85
N ASP C 81 20.34 -19.12 16.12
CA ASP C 81 20.41 -18.60 14.76
C ASP C 81 19.43 -19.32 13.84
N ASP C 82 18.48 -18.59 13.28
CA ASP C 82 17.48 -19.19 12.38
C ASP C 82 17.94 -19.22 10.92
N THR C 83 19.18 -18.80 10.69
CA THR C 83 19.78 -18.77 9.36
C THR C 83 20.38 -20.14 8.97
N GLU C 84 20.97 -20.82 9.94
CA GLU C 84 21.65 -22.08 9.68
C GLU C 84 20.71 -23.17 9.16
N PHE C 85 21.14 -23.89 8.12
CA PHE C 85 20.35 -25.00 7.63
C PHE C 85 20.29 -26.08 8.70
N GLY C 86 19.11 -26.68 8.87
CA GLY C 86 18.92 -27.69 9.89
C GLY C 86 18.27 -27.15 11.14
N PHE C 87 18.33 -25.82 11.32
CA PHE C 87 17.75 -25.16 12.50
C PHE C 87 16.49 -25.89 12.97
N LYS C 88 16.53 -26.35 14.22
CA LYS C 88 15.44 -27.15 14.75
C LYS C 88 14.31 -26.29 15.32
N GLY C 89 14.54 -24.99 15.38
CA GLY C 89 13.56 -24.09 15.97
C GLY C 89 13.86 -23.81 17.44
N PRO C 90 12.96 -23.09 18.12
CA PRO C 90 11.71 -22.66 17.51
C PRO C 90 11.88 -21.30 16.82
N HIS C 91 10.86 -20.85 16.09
CA HIS C 91 10.87 -19.53 15.48
C HIS C 91 10.06 -18.58 16.35
N ILE C 92 10.59 -17.40 16.59
CA ILE C 92 9.79 -16.31 17.18
C ILE C 92 9.64 -15.20 16.14
N ARG C 93 8.43 -15.02 15.63
CA ARG C 93 8.19 -14.11 14.52
C ARG C 93 7.21 -13.02 14.89
N ILE C 94 7.55 -11.76 14.62
CA ILE C 94 6.60 -10.68 14.86
C ILE C 94 5.48 -10.71 13.82
N ARG C 95 4.26 -10.38 14.24
CA ARG C 95 3.14 -10.25 13.34
C ARG C 95 2.56 -8.83 13.29
N CYS C 96 2.36 -8.22 14.46
CA CYS C 96 1.64 -6.95 14.55
C CYS C 96 2.08 -6.18 15.79
N VAL C 97 2.22 -4.86 15.63
CA VAL C 97 2.44 -3.97 16.75
C VAL C 97 1.21 -3.07 16.83
N ASP C 98 0.42 -3.25 17.88
CA ASP C 98 -0.81 -2.49 18.07
C ASP C 98 -0.61 -1.41 19.12
N ILE C 99 -0.63 -0.15 18.67
CA ILE C 99 -0.32 0.98 19.51
C ILE C 99 -1.58 1.59 20.10
N ASP C 100 -1.56 1.80 21.42
CA ASP C 100 -2.62 2.50 22.11
C ASP C 100 -2.06 3.85 22.53
N ASP C 101 -2.48 4.90 21.82
CA ASP C 101 -1.96 6.26 22.03
C ASP C 101 -3.05 7.21 22.52
N LYS C 102 -4.07 6.65 23.16
CA LYS C 102 -5.17 7.46 23.68
C LYS C 102 -4.74 8.38 24.83
N HIS C 103 -4.36 7.80 25.96
CA HIS C 103 -4.02 8.59 27.14
C HIS C 103 -2.51 8.66 27.34
N THR C 104 -1.85 7.59 26.92
CA THR C 104 -0.44 7.43 27.14
C THR C 104 0.12 6.78 25.88
N TYR C 105 1.19 6.01 26.01
CA TYR C 105 1.82 5.40 24.85
C TYR C 105 2.14 3.95 25.15
N ASN C 106 1.25 3.07 24.71
CA ASN C 106 1.38 1.64 24.97
C ASN C 106 1.39 0.85 23.67
N ALA C 107 2.01 -0.32 23.71
CA ALA C 107 2.01 -1.20 22.55
C ALA C 107 1.79 -2.64 22.95
N MSE C 108 0.91 -3.31 22.21
CA MSE C 108 0.74 -4.76 22.28
C MSE C 108 1.40 -5.38 21.05
O MSE C 108 0.95 -5.14 19.92
CB MSE C 108 -0.74 -5.13 22.35
CG MSE C 108 -1.03 -6.64 22.39
SE MSE C 108 -0.25 -7.50 23.95
CE MSE C 108 -1.33 -6.63 25.33
N VAL C 109 2.47 -6.15 21.27
CA VAL C 109 3.20 -6.86 20.21
C VAL C 109 2.71 -8.30 20.04
N TYR C 110 2.15 -8.61 18.88
CA TYR C 110 1.68 -9.97 18.60
C TYR C 110 2.78 -10.75 17.89
N VAL C 111 3.21 -11.87 18.50
CA VAL C 111 4.21 -12.75 17.90
C VAL C 111 3.67 -14.18 17.77
N ASP C 112 4.31 -14.96 16.88
CA ASP C 112 4.07 -16.39 16.76
C ASP C 112 5.30 -17.12 17.30
N LEU C 113 5.08 -18.16 18.10
CA LEU C 113 6.14 -19.09 18.45
C LEU C 113 5.92 -20.35 17.65
N ILE C 114 6.84 -20.65 16.75
CA ILE C 114 6.65 -21.78 15.85
C ILE C 114 7.56 -22.93 16.25
N VAL C 115 6.95 -24.05 16.62
CA VAL C 115 7.72 -25.24 16.96
C VAL C 115 7.55 -26.31 15.89
N GLY C 116 8.59 -27.12 15.70
CA GLY C 116 8.49 -28.26 14.81
C GLY C 116 7.45 -29.24 15.32
N THR C 117 6.76 -29.90 14.40
CA THR C 117 5.72 -30.85 14.77
C THR C 117 6.30 -32.05 15.53
N GLY C 118 7.56 -32.36 15.25
CA GLY C 118 8.27 -33.40 15.96
C GLY C 118 8.86 -32.88 17.25
N ALA C 119 7.99 -32.49 18.18
CA ALA C 119 8.42 -31.93 19.46
C ALA C 119 7.48 -32.31 20.59
N SER C 120 8.04 -32.92 21.63
CA SER C 120 7.26 -33.35 22.79
C SER C 120 6.62 -32.18 23.51
N GLU C 121 5.59 -32.46 24.30
CA GLU C 121 4.91 -31.40 25.06
C GLU C 121 5.84 -30.76 26.08
N VAL C 122 6.77 -31.55 26.60
CA VAL C 122 7.76 -31.03 27.53
C VAL C 122 8.68 -30.02 26.83
N GLU C 123 9.02 -30.33 25.58
CA GLU C 123 9.85 -29.45 24.78
C GLU C 123 9.11 -28.17 24.38
N ARG C 124 7.81 -28.28 24.10
CA ARG C 124 7.02 -27.11 23.69
C ARG C 124 6.92 -26.07 24.80
N GLU C 125 6.41 -26.48 25.95
CA GLU C 125 6.32 -25.56 27.09
C GLU C 125 7.71 -25.05 27.48
N THR C 126 8.72 -25.89 27.32
CA THR C 126 10.09 -25.49 27.61
C THR C 126 10.58 -24.42 26.63
N ALA C 127 10.12 -24.51 25.39
CA ALA C 127 10.49 -23.54 24.38
C ALA C 127 9.71 -22.24 24.55
N GLU C 128 8.43 -22.36 24.93
CA GLU C 128 7.62 -21.19 25.24
C GLU C 128 8.27 -20.38 26.34
N GLU C 129 8.58 -21.04 27.45
CA GLU C 129 9.13 -20.36 28.61
C GLU C 129 10.41 -19.65 28.22
N LEU C 130 11.24 -20.31 27.44
CA LEU C 130 12.49 -19.72 27.00
C LEU C 130 12.21 -18.52 26.09
N ALA C 131 11.16 -18.64 25.29
CA ALA C 131 10.75 -17.57 24.38
C ALA C 131 10.24 -16.38 25.17
N LYS C 132 9.25 -16.63 26.01
CA LYS C 132 8.66 -15.59 26.86
C LYS C 132 9.72 -14.81 27.60
N GLU C 133 10.73 -15.51 28.11
CA GLU C 133 11.77 -14.86 28.89
C GLU C 133 12.65 -13.94 28.04
N LYS C 134 12.92 -14.34 26.81
CA LYS C 134 13.77 -13.53 25.93
C LYS C 134 13.02 -12.31 25.41
N LEU C 135 11.72 -12.48 25.15
CA LEU C 135 10.86 -11.39 24.70
C LEU C 135 10.65 -10.32 25.77
N ARG C 136 10.47 -10.74 27.01
CA ARG C 136 10.27 -9.78 28.10
C ARG C 136 11.45 -8.83 28.19
N ALA C 137 12.66 -9.36 28.09
CA ALA C 137 13.87 -8.55 28.12
C ALA C 137 14.02 -7.70 26.86
N ALA C 138 13.87 -8.33 25.69
CA ALA C 138 14.13 -7.63 24.43
C ALA C 138 13.07 -6.58 24.10
N LEU C 139 11.82 -6.88 24.40
CA LEU C 139 10.73 -5.93 24.15
C LEU C 139 10.52 -4.97 25.34
N GLN C 140 11.31 -5.14 26.39
CA GLN C 140 11.19 -4.30 27.59
C GLN C 140 9.76 -4.28 28.10
N VAL C 141 9.19 -5.45 28.38
CA VAL C 141 7.77 -5.53 28.74
C VAL C 141 7.50 -4.91 30.11
N ASP C 142 6.37 -4.21 30.23
CA ASP C 142 5.93 -3.58 31.48
C ASP C 142 6.77 -2.40 31.97
N ILE C 143 7.68 -1.89 31.12
CA ILE C 143 8.52 -0.73 31.45
C ILE C 143 8.43 0.33 30.36
N ALA C 144 8.71 1.59 30.69
CA ALA C 144 8.72 2.67 29.69
C ALA C 144 10.05 2.69 28.91
N ASP C 145 10.00 2.34 27.62
CA ASP C 145 11.21 2.22 26.80
C ASP C 145 11.76 3.56 26.30
N GLU C 146 12.69 3.49 25.34
CA GLU C 146 13.32 4.68 24.75
C GLU C 146 12.33 5.62 24.07
N HIS C 147 11.19 5.09 23.63
CA HIS C 147 10.13 5.90 23.05
C HIS C 147 9.04 6.26 24.06
N SER C 148 9.32 6.05 25.35
CA SER C 148 8.32 6.29 26.40
C SER C 148 7.09 5.42 26.18
N CYS C 149 7.31 4.24 25.59
CA CYS C 149 6.25 3.32 25.29
C CYS C 149 6.31 2.19 26.31
N VAL C 150 5.14 1.77 26.79
CA VAL C 150 5.08 0.61 27.68
C VAL C 150 4.58 -0.59 26.89
N THR C 151 5.35 -1.67 26.92
CA THR C 151 5.15 -2.76 25.98
C THR C 151 4.70 -4.07 26.62
N GLN C 152 3.77 -4.74 25.95
CA GLN C 152 3.37 -6.09 26.31
C GLN C 152 3.35 -6.96 25.04
N PHE C 153 3.30 -8.27 25.20
CA PHE C 153 3.17 -9.12 24.03
C PHE C 153 2.20 -10.26 24.25
N GLU C 154 1.67 -10.77 23.14
CA GLU C 154 0.80 -11.92 23.14
C GLU C 154 1.38 -12.90 22.16
N MSE C 155 1.52 -14.16 22.58
CA MSE C 155 2.26 -15.14 21.81
C MSE C 155 1.37 -16.31 21.38
O MSE C 155 0.81 -17.00 22.24
CB MSE C 155 3.46 -15.61 22.61
CG MSE C 155 4.20 -16.76 22.00
SE MSE C 155 5.42 -17.50 23.30
CE MSE C 155 6.92 -16.30 23.18
N LYS C 156 1.25 -16.53 20.08
CA LYS C 156 0.45 -17.64 19.58
C LYS C 156 1.32 -18.85 19.24
N LEU C 157 0.88 -20.04 19.65
CA LEU C 157 1.67 -21.24 19.41
C LEU C 157 1.25 -21.91 18.10
N ARG C 158 2.24 -22.19 17.27
CA ARG C 158 2.02 -22.90 16.02
C ARG C 158 2.99 -24.06 15.94
N GLU C 159 2.59 -25.12 15.25
CA GLU C 159 3.50 -26.22 14.98
C GLU C 159 3.58 -26.44 13.48
N GLU C 160 4.80 -26.61 12.98
CA GLU C 160 5.03 -26.73 11.56
C GLU C 160 6.14 -27.73 11.28
N LEU C 161 6.12 -28.32 10.09
CA LEU C 161 7.27 -29.12 9.68
C LEU C 161 8.30 -28.17 9.09
N LEU C 162 9.26 -27.79 9.93
CA LEU C 162 10.23 -26.77 9.60
C LEU C 162 11.03 -27.08 8.32
N SER C 163 11.05 -28.35 7.93
CA SER C 163 11.90 -28.73 6.81
C SER C 163 11.14 -28.69 5.49
N SER C 164 9.81 -28.62 5.55
CA SER C 164 8.98 -28.57 4.37
C SER C 164 9.27 -27.41 3.40
N ASP C 165 9.08 -27.68 2.12
CA ASP C 165 9.20 -26.66 1.07
C ASP C 165 8.03 -25.69 1.13
N SER C 166 6.97 -26.07 1.82
CA SER C 166 5.78 -25.22 1.90
C SER C 166 5.75 -24.37 3.18
N PHE C 167 6.83 -24.41 3.95
CA PHE C 167 6.94 -23.63 5.17
C PHE C 167 7.82 -22.41 4.99
N HIS C 168 7.30 -21.27 5.44
CA HIS C 168 8.12 -20.07 5.63
C HIS C 168 7.64 -19.43 6.93
N PRO C 169 8.56 -18.95 7.77
CA PRO C 169 8.19 -18.38 9.06
C PRO C 169 7.23 -17.19 8.98
N ASP C 170 7.11 -16.55 7.81
CA ASP C 170 6.23 -15.38 7.66
C ASP C 170 5.19 -15.56 6.54
N LYS C 171 4.85 -16.81 6.24
CA LYS C 171 3.75 -17.12 5.33
C LYS C 171 2.59 -16.14 5.50
N ASP C 172 1.96 -15.72 4.41
CA ASP C 172 0.88 -14.72 4.51
C ASP C 172 -0.25 -15.12 5.46
N GLU C 173 -0.63 -16.40 5.43
CA GLU C 173 -1.73 -16.91 6.27
C GLU C 173 -1.56 -16.54 7.75
N TYR C 174 -0.33 -16.52 8.23
CA TYR C 174 -0.05 -16.15 9.62
C TYR C 174 -0.47 -14.70 9.97
N TYR C 175 -0.85 -13.91 8.98
CA TYR C 175 -1.17 -12.49 9.21
C TYR C 175 -2.66 -12.19 9.07
N LYS C 176 -3.44 -13.22 8.75
CA LYS C 176 -4.88 -13.07 8.48
C LYS C 176 -5.64 -12.21 9.49
N ASP C 177 -5.30 -12.35 10.76
CA ASP C 177 -6.03 -11.66 11.83
C ASP C 177 -5.69 -10.18 11.96
N PHE C 178 -4.60 -9.75 11.32
CA PHE C 178 -4.16 -8.36 11.47
C PHE C 178 -4.36 -7.54 10.21
N LEU C 179 -4.77 -8.18 9.12
CA LEU C 179 -5.00 -7.46 7.88
C LEU C 179 -6.48 -7.37 7.52
S SO4 D . -19.28 8.47 -18.46
O1 SO4 D . -18.03 9.16 -18.09
O2 SO4 D . -19.95 9.23 -19.51
O3 SO4 D . -18.98 7.13 -18.95
O4 SO4 D . -20.13 8.38 -17.27
#